data_3HAX
#
_entry.id   3HAX
#
_cell.length_a   187.809
_cell.length_b   63.696
_cell.length_c   83.848
_cell.angle_alpha   90.00
_cell.angle_beta   90.00
_cell.angle_gamma   90.00
#
_symmetry.space_group_name_H-M   'P 21 21 2'
#
loop_
_entity.id
_entity.type
_entity.pdbx_description
1 polymer 'Probable tRNA pseudouridine synthase B'
2 polymer 'Ribosome biogenesis protein Nop10'
3 polymer '50S ribosomal protein L7Ae'
4 polymer 'H/ACA RNA'
5 polymer "5'-R(*AP*UP*AP*AP*UP*UP*(FHU)P*GP*AP*CP*UP*CP*AP*A)-3'"
6 non-polymer 'TRIETHYLENE GLYCOL'
7 non-polymer 1,2-ETHANEDIOL
8 non-polymer 'ZINC ION'
9 non-polymer 'TETRAETHYLENE GLYCOL'
10 non-polymer 'MAGNESIUM ION'
11 water water
#
loop_
_entity_poly.entity_id
_entity_poly.type
_entity_poly.pdbx_seq_one_letter_code
_entity_poly.pdbx_strand_id
1 'polypeptide(L)'
;MARDEVRRILPADIKREVLIKDENAETNPDWGFPPEKRPIEMHIQFGVINLDKPPGPTSHEVVAWIKKILNLEKAGHGGT
LDPKVSGVLPVALEKATRVVQALLPAGKEYVALMHLHGDVPEDKIIQVMKEFEGEIIQRPPLRSAVKRRLRTRKVYYIEV
LEIEGRDVLFRVGVEAGTYIRSLIHHIGLALGVGAHMSELRRTRSGPFKEDETLITLHDLVDYYYFWKEDGIEEYFRKAI
QPMEKAVEHLPKVWIKDSAVAAVTHGADLAVPGIAKLHAGIKRGDLVAIMTLKDELVALGKAMMTSQEMLEKTKGIAVDV
EKVFMPRDWYPKLWEKRDRSHHHHHH
;
A
2 'polypeptide(L)' MKFRIRKCPKCGRYTLKEVCPVCGEKTKVAHPPRFSPEDPYGEYRRRWKREVLGIGRKEK C
3 'polypeptide(L)'
;MAAKPSYVKFEVPKELAEKALQAVEIARDTGKIRKGTNETTKAVERGQAKLVIIAEDVDPEEIVAHLPPLCEEKEIPYIY
VPSKKELGAAAGIEVAAASVAIIEPGKARDLVEEIAMKVKELMKHHHHHH
;
D
4 'polyribonucleotide' GGGUCCGCCUUGAGUGCCCGGGUGAGAAGCAUGAUCCCGGGUAAUUAUGGCGGACCCACAGAU E
5 'polyribonucleotide' AUAAUU(FHU)GACUCAA F
#
loop_
_chem_comp.id
_chem_comp.type
_chem_comp.name
_chem_comp.formula
A RNA linking ADENOSINE-5'-MONOPHOSPHATE 'C10 H14 N5 O7 P'
C RNA linking CYTIDINE-5'-MONOPHOSPHATE 'C9 H14 N3 O8 P'
EDO non-polymer 1,2-ETHANEDIOL 'C2 H6 O2'
FHU RNA linking (5S,6R)-5-FLUORO-6-HYDROXY-PSEUDOURIDINE-5'-MONOPHOSPHATE 'C9 H14 F N2 O10 P'
G RNA linking GUANOSINE-5'-MONOPHOSPHATE 'C10 H14 N5 O8 P'
MG non-polymer 'MAGNESIUM ION' 'Mg 2'
PG4 non-polymer 'TETRAETHYLENE GLYCOL' 'C8 H18 O5'
PGE non-polymer 'TRIETHYLENE GLYCOL' 'C6 H14 O4'
U RNA linking URIDINE-5'-MONOPHOSPHATE 'C9 H13 N2 O9 P'
ZN non-polymer 'ZINC ION' 'Zn 2'
#
# COMPACT_ATOMS: atom_id res chain seq x y z
N ARG A 8 -20.66 6.09 6.12
CA ARG A 8 -19.29 5.58 6.41
C ARG A 8 -19.08 4.13 5.94
N ILE A 9 -19.93 3.69 5.02
CA ILE A 9 -19.84 2.35 4.43
C ILE A 9 -20.00 2.39 2.90
N LEU A 10 -19.20 1.57 2.22
CA LEU A 10 -19.27 1.44 0.75
C LEU A 10 -20.04 0.18 0.36
N PRO A 11 -20.45 0.07 -0.93
CA PRO A 11 -21.14 -1.13 -1.43
C PRO A 11 -20.36 -2.43 -1.22
N ALA A 12 -19.05 -2.33 -1.03
CA ALA A 12 -18.20 -3.50 -0.77
C ALA A 12 -18.37 -4.03 0.66
N ASP A 13 -18.97 -3.23 1.53
CA ASP A 13 -19.17 -3.60 2.93
C ASP A 13 -20.51 -4.31 3.17
N ILE A 14 -21.45 -4.14 2.25
CA ILE A 14 -22.78 -4.74 2.37
C ILE A 14 -22.71 -6.25 2.09
N LYS A 15 -23.14 -7.04 3.07
CA LYS A 15 -23.05 -8.51 3.01
C LYS A 15 -24.33 -9.17 2.51
N ARG A 16 -24.16 -10.32 1.86
CA ARG A 16 -25.29 -11.07 1.30
C ARG A 16 -25.51 -12.36 2.08
N GLU A 17 -26.76 -12.82 2.11
CA GLU A 17 -27.09 -14.13 2.69
C GLU A 17 -26.77 -15.23 1.67
N VAL A 18 -26.31 -16.37 2.17
CA VAL A 18 -26.04 -17.53 1.32
C VAL A 18 -27.29 -18.39 1.20
N LEU A 19 -27.72 -18.63 -0.04
CA LEU A 19 -28.86 -19.50 -0.32
C LEU A 19 -28.34 -20.88 -0.76
N ILE A 20 -28.79 -21.92 -0.07
CA ILE A 20 -28.38 -23.29 -0.38
C ILE A 20 -29.36 -23.91 -1.38
N LYS A 21 -28.84 -24.33 -2.54
CA LYS A 21 -29.66 -25.00 -3.55
C LYS A 21 -29.55 -26.52 -3.41
N ASP A 22 -28.32 -27.01 -3.26
CA ASP A 22 -28.08 -28.43 -3.02
C ASP A 22 -27.26 -28.65 -1.75
N GLU A 23 -27.93 -29.19 -0.73
CA GLU A 23 -27.33 -29.41 0.58
C GLU A 23 -26.35 -30.59 0.56
N ASN A 24 -26.56 -31.51 -0.38
CA ASN A 24 -25.78 -32.74 -0.47
C ASN A 24 -24.49 -32.60 -1.29
N ALA A 25 -24.33 -31.45 -1.94
CA ALA A 25 -23.18 -31.19 -2.80
C ALA A 25 -21.88 -31.02 -2.00
N GLU A 26 -20.91 -31.87 -2.29
CA GLU A 26 -19.61 -31.85 -1.63
C GLU A 26 -18.46 -31.85 -2.65
N THR A 27 -17.28 -31.46 -2.20
CA THR A 27 -16.12 -31.35 -3.08
C THR A 27 -15.04 -32.39 -2.77
N ASN A 28 -14.37 -32.87 -3.83
CA ASN A 28 -13.32 -33.87 -3.71
C ASN A 28 -11.96 -33.21 -3.47
N PRO A 29 -11.34 -33.48 -2.30
CA PRO A 29 -10.08 -32.86 -1.88
C PRO A 29 -8.89 -33.14 -2.82
N ASP A 30 -9.01 -34.16 -3.67
CA ASP A 30 -7.94 -34.53 -4.60
C ASP A 30 -7.87 -33.63 -5.83
N TRP A 31 -8.94 -32.90 -6.11
CA TRP A 31 -8.99 -32.04 -7.30
C TRP A 31 -8.84 -30.56 -6.94
N GLY A 32 -8.31 -29.79 -7.89
CA GLY A 32 -8.17 -28.35 -7.76
C GLY A 32 -7.00 -27.88 -6.92
N PHE A 33 -6.77 -26.58 -6.94
CA PHE A 33 -5.72 -25.94 -6.15
C PHE A 33 -6.26 -24.74 -5.38
N PRO A 34 -6.80 -24.97 -4.17
CA PRO A 34 -7.20 -23.88 -3.28
C PRO A 34 -5.96 -23.09 -2.87
N PRO A 35 -6.11 -21.78 -2.60
CA PRO A 35 -4.98 -20.89 -2.28
C PRO A 35 -3.90 -21.53 -1.38
N GLU A 36 -4.34 -22.27 -0.36
CA GLU A 36 -3.45 -22.89 0.62
C GLU A 36 -2.58 -24.00 0.03
N LYS A 37 -3.11 -24.66 -1.00
CA LYS A 37 -2.42 -25.78 -1.64
C LYS A 37 -1.56 -25.38 -2.84
N ARG A 38 -1.54 -24.09 -3.16
CA ARG A 38 -0.77 -23.58 -4.31
C ARG A 38 0.71 -23.48 -3.97
N PRO A 39 1.57 -24.14 -4.76
CA PRO A 39 3.01 -23.92 -4.65
C PRO A 39 3.32 -22.46 -4.97
N ILE A 40 4.39 -21.94 -4.39
CA ILE A 40 4.73 -20.51 -4.50
C ILE A 40 4.70 -19.98 -5.95
N GLU A 41 5.22 -20.78 -6.89
CA GLU A 41 5.24 -20.41 -8.31
C GLU A 41 3.82 -20.29 -8.88
N MET A 42 2.94 -21.20 -8.47
CA MET A 42 1.53 -21.16 -8.88
C MET A 42 0.80 -20.01 -8.18
N HIS A 43 1.17 -19.76 -6.92
CA HIS A 43 0.60 -18.66 -6.14
C HIS A 43 0.84 -17.31 -6.80
N ILE A 44 2.04 -17.11 -7.34
CA ILE A 44 2.40 -15.89 -8.06
C ILE A 44 1.60 -15.75 -9.36
N GLN A 45 1.48 -16.86 -10.10
CA GLN A 45 0.74 -16.88 -11.37
C GLN A 45 -0.71 -16.42 -11.21
N PHE A 46 -1.31 -16.75 -10.07
CA PHE A 46 -2.70 -16.37 -9.78
C PHE A 46 -2.76 -15.42 -8.58
N GLY A 47 -1.86 -14.45 -8.56
CA GLY A 47 -1.71 -13.56 -7.41
C GLY A 47 -2.06 -12.11 -7.67
N VAL A 48 -2.35 -11.40 -6.58
CA VAL A 48 -2.61 -9.96 -6.59
C VAL A 48 -1.89 -9.34 -5.39
N ILE A 49 -1.13 -8.27 -5.64
CA ILE A 49 -0.44 -7.55 -4.58
C ILE A 49 -1.26 -6.37 -4.10
N ASN A 50 -1.49 -6.30 -2.79
CA ASN A 50 -2.07 -5.12 -2.16
C ASN A 50 -0.96 -4.12 -1.87
N LEU A 51 -0.58 -3.34 -2.89
CA LEU A 51 0.59 -2.48 -2.81
C LEU A 51 0.30 -1.12 -2.20
N ASP A 52 1.19 -0.69 -1.30
CA ASP A 52 1.19 0.67 -0.80
C ASP A 52 2.09 1.50 -1.70
N LYS A 53 1.48 2.14 -2.70
CA LYS A 53 2.20 2.97 -3.67
C LYS A 53 2.92 4.13 -2.98
N PRO A 54 4.19 4.38 -3.35
CA PRO A 54 4.89 5.56 -2.86
C PRO A 54 4.56 6.82 -3.68
N PRO A 55 4.67 8.00 -3.06
CA PRO A 55 4.58 9.23 -3.84
C PRO A 55 5.80 9.34 -4.74
N GLY A 56 5.61 9.87 -5.95
CA GLY A 56 6.68 10.00 -6.92
C GLY A 56 6.27 9.49 -8.29
N PRO A 57 6.49 8.18 -8.54
CA PRO A 57 6.16 7.57 -9.84
C PRO A 57 4.67 7.46 -10.09
N THR A 58 4.30 7.38 -11.38
CA THR A 58 2.93 7.08 -11.76
C THR A 58 2.61 5.63 -11.38
N SER A 59 1.33 5.29 -11.34
CA SER A 59 0.92 3.91 -11.09
C SER A 59 1.39 2.97 -12.19
N HIS A 60 1.42 3.48 -13.42
CA HIS A 60 1.87 2.71 -14.57
C HIS A 60 3.36 2.32 -14.47
N GLU A 61 4.18 3.27 -14.03
CA GLU A 61 5.62 3.03 -13.82
C GLU A 61 5.84 1.98 -12.75
N VAL A 62 5.09 2.08 -11.66
CA VAL A 62 5.18 1.15 -10.54
C VAL A 62 4.95 -0.30 -10.99
N VAL A 63 3.92 -0.50 -11.82
CA VAL A 63 3.63 -1.82 -12.39
C VAL A 63 4.78 -2.30 -13.27
N ALA A 64 5.33 -1.40 -14.09
CA ALA A 64 6.52 -1.69 -14.88
C ALA A 64 7.71 -2.14 -14.02
N TRP A 65 7.90 -1.46 -12.89
CA TRP A 65 8.94 -1.83 -11.93
C TRP A 65 8.72 -3.22 -11.33
N ILE A 66 7.48 -3.50 -10.94
CA ILE A 66 7.10 -4.81 -10.39
C ILE A 66 7.35 -5.94 -11.40
N LYS A 67 6.94 -5.72 -12.65
CA LYS A 67 7.19 -6.67 -13.74
C LYS A 67 8.67 -6.98 -13.89
N LYS A 68 9.48 -5.92 -13.90
CA LYS A 68 10.93 -6.04 -14.08
C LYS A 68 11.61 -6.77 -12.92
N ILE A 69 11.31 -6.37 -11.70
CA ILE A 69 11.97 -6.92 -10.52
C ILE A 69 11.55 -8.37 -10.24
N LEU A 70 10.26 -8.66 -10.35
CA LEU A 70 9.74 -10.00 -10.09
C LEU A 70 9.78 -10.93 -11.31
N ASN A 71 10.29 -10.41 -12.43
CA ASN A 71 10.40 -11.17 -13.69
C ASN A 71 9.07 -11.74 -14.19
N LEU A 72 8.08 -10.86 -14.35
CA LEU A 72 6.76 -11.24 -14.81
C LEU A 72 6.52 -10.71 -16.22
N GLU A 73 5.83 -11.48 -17.04
CA GLU A 73 5.46 -11.02 -18.38
C GLU A 73 4.22 -10.13 -18.36
N LYS A 74 3.36 -10.31 -17.35
CA LYS A 74 2.08 -9.60 -17.27
C LYS A 74 1.77 -9.08 -15.85
N ALA A 75 1.25 -7.87 -15.80
CA ALA A 75 0.71 -7.28 -14.57
C ALA A 75 -0.15 -6.06 -14.89
N GLY A 76 -1.14 -5.80 -14.04
CA GLY A 76 -2.02 -4.64 -14.20
C GLY A 76 -2.57 -4.16 -12.87
N HIS A 77 -2.85 -2.86 -12.76
CA HIS A 77 -3.37 -2.29 -11.51
C HIS A 77 -4.89 -2.07 -11.53
N GLY A 78 -5.47 -1.89 -10.34
CA GLY A 78 -6.91 -1.74 -10.18
C GLY A 78 -7.43 -0.32 -10.16
N GLY A 79 -6.67 0.61 -10.72
CA GLY A 79 -7.08 2.01 -10.80
C GLY A 79 -5.93 2.98 -10.57
N THR A 80 -5.79 3.93 -11.48
CA THR A 80 -4.64 4.82 -11.52
C THR A 80 -4.60 5.84 -10.38
N LEU A 81 -3.63 5.68 -9.48
CA LEU A 81 -3.30 6.72 -8.52
C LEU A 81 -2.29 7.66 -9.18
N ASP A 82 -2.49 8.97 -8.95
CA ASP A 82 -1.60 9.99 -9.50
C ASP A 82 -0.20 9.91 -8.89
N PRO A 83 0.81 10.47 -9.60
CA PRO A 83 2.21 10.43 -9.16
C PRO A 83 2.44 10.82 -7.70
N LYS A 84 1.85 11.94 -7.28
CA LYS A 84 2.05 12.44 -5.91
C LYS A 84 1.21 11.69 -4.86
N VAL A 85 0.33 10.81 -5.31
CA VAL A 85 -0.60 10.10 -4.41
C VAL A 85 -0.05 8.76 -3.96
N SER A 86 -0.23 8.45 -2.68
CA SER A 86 0.21 7.16 -2.13
C SER A 86 -0.99 6.28 -1.79
N GLY A 87 -0.71 5.03 -1.40
CA GLY A 87 -1.73 4.15 -0.85
C GLY A 87 -2.11 2.94 -1.66
N VAL A 88 -3.31 2.43 -1.40
CA VAL A 88 -3.76 1.15 -1.92
C VAL A 88 -3.79 1.10 -3.45
N LEU A 89 -2.91 0.29 -4.01
CA LEU A 89 -2.88 0.04 -5.44
C LEU A 89 -2.86 -1.48 -5.66
N PRO A 90 -4.03 -2.07 -5.97
CA PRO A 90 -4.06 -3.49 -6.26
C PRO A 90 -3.33 -3.76 -7.57
N VAL A 91 -2.37 -4.68 -7.53
CA VAL A 91 -1.62 -5.06 -8.73
C VAL A 91 -1.81 -6.55 -8.97
N ALA A 92 -2.63 -6.88 -9.98
CA ALA A 92 -2.89 -8.27 -10.36
C ALA A 92 -1.76 -8.77 -11.24
N LEU A 93 -1.34 -10.01 -11.01
CA LEU A 93 -0.15 -10.56 -11.66
C LEU A 93 -0.47 -11.70 -12.62
N GLU A 94 0.25 -11.73 -13.73
CA GLU A 94 0.27 -12.86 -14.66
C GLU A 94 -1.12 -13.34 -15.11
N LYS A 95 -1.50 -14.55 -14.71
CA LYS A 95 -2.77 -15.16 -15.08
C LYS A 95 -3.95 -14.52 -14.35
N ALA A 96 -3.65 -13.75 -13.30
CA ALA A 96 -4.68 -13.04 -12.56
C ALA A 96 -4.93 -11.62 -13.07
N THR A 97 -4.16 -11.18 -14.07
CA THR A 97 -4.19 -9.80 -14.53
C THR A 97 -5.60 -9.27 -14.84
N ARG A 98 -6.42 -10.11 -15.48
CA ARG A 98 -7.75 -9.69 -15.92
C ARG A 98 -8.78 -9.49 -14.78
N VAL A 99 -8.43 -9.90 -13.56
CA VAL A 99 -9.32 -9.69 -12.40
C VAL A 99 -9.52 -8.21 -12.08
N VAL A 100 -8.66 -7.35 -12.64
CA VAL A 100 -8.77 -5.90 -12.44
C VAL A 100 -10.09 -5.33 -12.97
N GLN A 101 -10.77 -6.09 -13.84
CA GLN A 101 -12.06 -5.66 -14.37
C GLN A 101 -13.15 -5.62 -13.28
N ALA A 102 -12.91 -6.34 -12.18
CA ALA A 102 -13.77 -6.30 -11.01
C ALA A 102 -13.32 -5.20 -10.03
N LEU A 103 -12.11 -4.68 -10.24
CA LEU A 103 -11.48 -3.71 -9.34
C LEU A 103 -11.60 -2.28 -9.84
N LEU A 104 -11.40 -2.10 -11.14
CA LEU A 104 -11.44 -0.78 -11.78
C LEU A 104 -12.73 0.02 -11.54
N PRO A 105 -13.92 -0.62 -11.70
CA PRO A 105 -15.15 0.11 -11.44
C PRO A 105 -15.64 0.09 -9.98
N ALA A 106 -14.83 -0.47 -9.08
CA ALA A 106 -15.23 -0.61 -7.68
C ALA A 106 -15.09 0.70 -6.89
N GLY A 107 -15.82 0.78 -5.78
CA GLY A 107 -15.77 1.94 -4.88
C GLY A 107 -14.40 2.12 -4.25
N LYS A 108 -14.03 3.37 -3.98
CA LYS A 108 -12.73 3.70 -3.42
C LYS A 108 -12.87 4.61 -2.21
N GLU A 109 -11.89 4.57 -1.31
CA GLU A 109 -11.83 5.49 -0.18
C GLU A 109 -10.50 6.23 -0.15
N TYR A 110 -10.55 7.52 0.16
CA TYR A 110 -9.35 8.35 0.24
C TYR A 110 -9.29 9.11 1.56
N VAL A 111 -8.07 9.40 2.00
CA VAL A 111 -7.84 10.38 3.05
C VAL A 111 -7.13 11.55 2.37
N ALA A 112 -7.69 12.75 2.52
CA ALA A 112 -7.20 13.92 1.82
C ALA A 112 -6.90 15.08 2.75
N LEU A 113 -5.92 15.90 2.36
CA LEU A 113 -5.67 17.16 3.03
C LEU A 113 -6.03 18.29 2.09
N MET A 114 -7.00 19.10 2.52
CA MET A 114 -7.46 20.26 1.76
C MET A 114 -6.91 21.52 2.40
N HIS A 115 -6.35 22.40 1.59
CA HIS A 115 -5.90 23.70 2.06
C HIS A 115 -6.84 24.81 1.56
N LEU A 116 -7.47 25.49 2.51
CA LEU A 116 -8.36 26.61 2.18
C LEU A 116 -7.54 27.88 1.93
N HIS A 117 -8.02 28.71 1.00
CA HIS A 117 -7.33 29.96 0.66
C HIS A 117 -7.82 31.15 1.49
N GLY A 118 -8.67 30.86 2.49
CA GLY A 118 -9.18 31.88 3.40
C GLY A 118 -9.58 31.27 4.73
N ASP A 119 -9.96 32.12 5.67
CA ASP A 119 -10.33 31.67 7.01
C ASP A 119 -11.82 31.37 7.12
N VAL A 120 -12.13 30.13 7.46
CA VAL A 120 -13.51 29.66 7.60
C VAL A 120 -13.67 28.98 8.97
N PRO A 121 -14.74 29.33 9.71
CA PRO A 121 -15.07 28.65 10.96
C PRO A 121 -15.27 27.14 10.79
N GLU A 122 -14.87 26.38 11.80
CA GLU A 122 -14.87 24.91 11.74
C GLU A 122 -16.26 24.31 11.52
N ASP A 123 -17.29 24.90 12.14
CA ASP A 123 -18.66 24.43 11.98
C ASP A 123 -19.19 24.61 10.56
N LYS A 124 -18.76 25.69 9.91
CA LYS A 124 -19.14 25.98 8.53
C LYS A 124 -18.52 25.00 7.55
N ILE A 125 -17.25 24.65 7.79
CA ILE A 125 -16.55 23.65 6.97
C ILE A 125 -17.26 22.31 7.02
N ILE A 126 -17.58 21.85 8.24
CA ILE A 126 -18.29 20.58 8.46
C ILE A 126 -19.67 20.57 7.78
N GLN A 127 -20.41 21.67 7.95
CA GLN A 127 -21.75 21.85 7.39
C GLN A 127 -21.76 21.74 5.85
N VAL A 128 -20.86 22.49 5.21
CA VAL A 128 -20.83 22.57 3.75
C VAL A 128 -20.34 21.28 3.10
N MET A 129 -19.35 20.63 3.72
CA MET A 129 -18.79 19.37 3.19
C MET A 129 -19.80 18.23 3.27
N LYS A 130 -20.74 18.32 4.22
CA LYS A 130 -21.83 17.37 4.36
C LYS A 130 -22.80 17.45 3.17
N GLU A 131 -22.85 18.61 2.53
CA GLU A 131 -23.73 18.86 1.40
C GLU A 131 -23.24 18.20 0.11
N PHE A 132 -22.00 17.74 0.11
CA PHE A 132 -21.40 17.10 -1.07
C PHE A 132 -21.60 15.58 -1.12
N GLU A 133 -22.16 15.01 -0.06
CA GLU A 133 -22.53 13.60 -0.04
C GLU A 133 -23.72 13.36 -0.97
N GLY A 134 -23.58 12.38 -1.85
CA GLY A 134 -24.59 12.09 -2.87
C GLY A 134 -24.05 12.23 -4.27
N GLU A 135 -24.94 12.42 -5.24
CA GLU A 135 -24.57 12.58 -6.65
C GLU A 135 -23.91 13.93 -6.92
N ILE A 136 -22.75 13.90 -7.57
CA ILE A 136 -22.08 15.12 -8.03
C ILE A 136 -21.79 15.04 -9.52
N ILE A 137 -21.80 16.19 -10.19
CA ILE A 137 -21.55 16.25 -11.63
C ILE A 137 -20.13 16.75 -11.90
N GLN A 138 -19.35 15.93 -12.59
CA GLN A 138 -17.95 16.25 -12.90
C GLN A 138 -17.64 16.13 -14.38
N ARG A 139 -16.63 16.89 -14.82
CA ARG A 139 -15.97 16.67 -16.10
C ARG A 139 -14.51 16.35 -15.82
N PRO A 140 -14.01 15.21 -16.34
CA PRO A 140 -12.60 14.84 -16.18
C PRO A 140 -11.67 15.97 -16.62
N PRO A 141 -10.61 16.24 -15.85
CA PRO A 141 -9.72 17.38 -16.11
C PRO A 141 -8.90 17.21 -17.39
N LEU A 142 -8.27 18.30 -17.84
CA LEU A 142 -7.44 18.31 -19.05
C LEU A 142 -6.40 17.19 -19.04
N ARG A 143 -5.91 16.85 -17.85
CA ARG A 143 -4.98 15.75 -17.65
C ARG A 143 -5.75 14.54 -17.11
N SER A 144 -6.22 13.69 -18.02
CA SER A 144 -6.99 12.50 -17.66
C SER A 144 -6.88 11.42 -18.74
N ALA A 145 -7.18 10.18 -18.36
CA ALA A 145 -7.08 9.03 -19.26
C ALA A 145 -8.41 8.66 -19.91
N VAL A 146 -9.46 9.42 -19.59
CA VAL A 146 -10.81 9.13 -20.09
C VAL A 146 -11.42 10.31 -20.85
N LYS A 147 -12.56 10.07 -21.49
CA LYS A 147 -13.26 11.08 -22.27
C LYS A 147 -13.72 12.24 -21.40
N ARG A 148 -13.41 13.47 -21.83
CA ARG A 148 -13.72 14.67 -21.06
C ARG A 148 -15.15 15.15 -21.33
N ARG A 149 -16.11 14.39 -20.80
CA ARG A 149 -17.53 14.70 -20.92
C ARG A 149 -18.13 14.80 -19.53
N LEU A 150 -19.19 15.59 -19.40
CA LEU A 150 -19.91 15.71 -18.14
C LEU A 150 -20.49 14.35 -17.74
N ARG A 151 -20.25 13.97 -16.48
CA ARG A 151 -20.70 12.69 -15.96
C ARG A 151 -21.02 12.78 -14.47
N THR A 152 -21.95 11.93 -14.02
CA THR A 152 -22.33 11.90 -12.62
C THR A 152 -21.54 10.85 -11.86
N ARG A 153 -21.09 11.23 -10.67
CA ARG A 153 -20.40 10.32 -9.77
C ARG A 153 -20.98 10.44 -8.37
N LYS A 154 -20.90 9.35 -7.61
CA LYS A 154 -21.48 9.29 -6.28
C LYS A 154 -20.42 9.48 -5.20
N VAL A 155 -20.68 10.40 -4.28
CA VAL A 155 -19.89 10.52 -3.06
C VAL A 155 -20.69 9.85 -1.93
N TYR A 156 -20.22 8.69 -1.50
CA TYR A 156 -20.95 7.88 -0.51
C TYR A 156 -20.92 8.50 0.89
N TYR A 157 -19.77 9.04 1.27
CA TYR A 157 -19.61 9.71 2.56
C TYR A 157 -18.41 10.65 2.59
N ILE A 158 -18.50 11.67 3.44
CA ILE A 158 -17.38 12.53 3.77
C ILE A 158 -17.31 12.64 5.28
N GLU A 159 -16.14 12.36 5.85
CA GLU A 159 -15.92 12.53 7.28
C GLU A 159 -14.71 13.43 7.52
N VAL A 160 -14.96 14.59 8.12
CA VAL A 160 -13.89 15.48 8.53
C VAL A 160 -13.22 14.91 9.79
N LEU A 161 -11.92 14.69 9.70
CA LEU A 161 -11.17 14.11 10.80
C LEU A 161 -10.67 15.19 11.75
N GLU A 162 -9.95 16.17 11.21
CA GLU A 162 -9.51 17.33 11.99
C GLU A 162 -9.26 18.57 11.14
N ILE A 163 -9.34 19.72 11.78
CA ILE A 163 -9.10 21.01 11.13
C ILE A 163 -8.03 21.77 11.91
N GLU A 164 -6.97 22.16 11.22
CA GLU A 164 -5.95 23.04 11.78
C GLU A 164 -5.90 24.32 10.97
N GLY A 165 -6.70 25.29 11.38
CA GLY A 165 -6.84 26.56 10.65
C GLY A 165 -7.40 26.35 9.26
N ARG A 166 -6.55 26.57 8.25
CA ARG A 166 -6.95 26.45 6.86
C ARG A 166 -6.82 25.03 6.31
N ASP A 167 -6.14 24.16 7.07
CA ASP A 167 -5.91 22.78 6.65
C ASP A 167 -6.98 21.85 7.20
N VAL A 168 -7.66 21.16 6.28
CA VAL A 168 -8.76 20.26 6.61
C VAL A 168 -8.40 18.83 6.20
N LEU A 169 -8.30 17.94 7.18
CA LEU A 169 -8.07 16.53 6.92
C LEU A 169 -9.39 15.77 6.93
N PHE A 170 -9.68 15.07 5.84
CA PHE A 170 -10.94 14.35 5.74
C PHE A 170 -10.85 13.02 5.00
N ARG A 171 -11.74 12.11 5.37
CA ARG A 171 -11.89 10.82 4.70
C ARG A 171 -13.07 10.94 3.73
N VAL A 172 -12.95 10.30 2.57
CA VAL A 172 -14.02 10.34 1.56
C VAL A 172 -14.18 9.00 0.83
N GLY A 173 -15.41 8.53 0.75
CA GLY A 173 -15.74 7.31 -0.01
C GLY A 173 -16.43 7.70 -1.30
N VAL A 174 -15.91 7.22 -2.43
CA VAL A 174 -16.40 7.63 -3.75
C VAL A 174 -16.60 6.46 -4.73
N GLU A 175 -17.45 6.71 -5.72
CA GLU A 175 -17.55 5.86 -6.90
C GLU A 175 -16.24 5.93 -7.69
N ALA A 176 -15.93 4.87 -8.43
CA ALA A 176 -14.73 4.85 -9.27
C ALA A 176 -14.75 5.98 -10.27
N GLY A 177 -13.58 6.59 -10.50
CA GLY A 177 -13.45 7.68 -11.47
C GLY A 177 -13.94 9.02 -10.98
N THR A 178 -13.99 9.20 -9.66
CA THR A 178 -14.33 10.48 -9.05
C THR A 178 -13.04 11.26 -8.77
N TYR A 179 -12.95 12.46 -9.33
CA TYR A 179 -11.74 13.27 -9.22
C TYR A 179 -11.77 14.12 -7.95
N ILE A 180 -10.91 13.75 -6.99
CA ILE A 180 -10.92 14.36 -5.65
C ILE A 180 -10.42 15.80 -5.68
N ARG A 181 -9.48 16.08 -6.59
CA ARG A 181 -8.95 17.42 -6.79
C ARG A 181 -10.06 18.39 -7.24
N SER A 182 -10.91 17.90 -8.14
CA SER A 182 -12.08 18.66 -8.60
C SER A 182 -13.14 18.79 -7.49
N LEU A 183 -13.35 17.73 -6.73
CA LEU A 183 -14.27 17.75 -5.59
C LEU A 183 -13.85 18.81 -4.56
N ILE A 184 -12.57 18.80 -4.21
CA ILE A 184 -12.00 19.76 -3.27
C ILE A 184 -12.11 21.19 -3.79
N HIS A 185 -11.90 21.36 -5.10
CA HIS A 185 -12.04 22.68 -5.75
C HIS A 185 -13.44 23.25 -5.57
N HIS A 186 -14.45 22.40 -5.73
CA HIS A 186 -15.84 22.83 -5.62
C HIS A 186 -16.30 23.07 -4.19
N ILE A 187 -15.69 22.33 -3.25
CA ILE A 187 -15.90 22.59 -1.81
C ILE A 187 -15.39 23.99 -1.47
N GLY A 188 -14.22 24.34 -2.00
CA GLY A 188 -13.65 25.68 -1.84
C GLY A 188 -14.56 26.77 -2.38
N LEU A 189 -15.20 26.48 -3.52
CA LEU A 189 -16.14 27.42 -4.14
C LEU A 189 -17.42 27.57 -3.31
N ALA A 190 -17.88 26.47 -2.73
CA ALA A 190 -19.07 26.48 -1.87
C ALA A 190 -18.81 27.21 -0.56
N LEU A 191 -17.55 27.20 -0.12
CA LEU A 191 -17.13 27.94 1.07
C LEU A 191 -16.76 29.38 0.74
N GLY A 192 -16.69 29.68 -0.56
CA GLY A 192 -16.42 31.05 -1.03
C GLY A 192 -14.96 31.43 -1.16
N VAL A 193 -14.14 30.93 -0.24
CA VAL A 193 -12.72 31.33 -0.16
C VAL A 193 -11.81 30.60 -1.16
N GLY A 194 -12.27 29.46 -1.68
CA GLY A 194 -11.45 28.65 -2.57
C GLY A 194 -10.57 27.68 -1.79
N ALA A 195 -10.21 26.57 -2.45
CA ALA A 195 -9.39 25.54 -1.83
C ALA A 195 -8.63 24.71 -2.86
N HIS A 196 -7.54 24.10 -2.44
CA HIS A 196 -6.84 23.11 -3.26
C HIS A 196 -6.44 21.89 -2.42
N MET A 197 -6.21 20.79 -3.12
CA MET A 197 -5.73 19.55 -2.50
C MET A 197 -4.22 19.61 -2.36
N SER A 198 -3.73 19.42 -1.13
CA SER A 198 -2.29 19.47 -0.88
C SER A 198 -1.67 18.08 -0.71
N GLU A 199 -2.49 17.10 -0.35
CA GLU A 199 -2.02 15.75 -0.04
C GLU A 199 -3.17 14.75 -0.19
N LEU A 200 -2.85 13.56 -0.70
CA LEU A 200 -3.87 12.52 -0.93
C LEU A 200 -3.31 11.11 -0.77
N ARG A 201 -4.09 10.25 -0.13
CA ARG A 201 -3.75 8.84 0.06
C ARG A 201 -5.00 7.98 -0.09
N ARG A 202 -4.90 6.91 -0.90
CA ARG A 202 -5.99 5.95 -1.03
C ARG A 202 -5.90 4.90 0.07
N THR A 203 -6.99 4.72 0.80
CA THR A 203 -7.04 3.82 1.93
C THR A 203 -7.86 2.56 1.65
N ARG A 204 -8.64 2.61 0.55
CA ARG A 204 -9.46 1.48 0.15
C ARG A 204 -9.70 1.47 -1.36
N SER A 205 -9.59 0.29 -1.96
CA SER A 205 -9.83 0.11 -3.37
C SER A 205 -10.52 -1.23 -3.57
N GLY A 206 -11.85 -1.18 -3.70
CA GLY A 206 -12.67 -2.39 -3.72
C GLY A 206 -12.54 -3.15 -2.42
N PRO A 207 -12.15 -4.45 -2.49
CA PRO A 207 -11.97 -5.27 -1.30
C PRO A 207 -10.64 -5.06 -0.59
N PHE A 208 -9.72 -4.34 -1.23
CA PHE A 208 -8.38 -4.12 -0.71
C PHE A 208 -8.34 -2.90 0.20
N LYS A 209 -7.69 -3.05 1.36
CA LYS A 209 -7.60 -1.97 2.33
C LYS A 209 -6.30 -2.00 3.13
N GLU A 210 -6.19 -1.07 4.08
CA GLU A 210 -5.01 -0.96 4.94
C GLU A 210 -5.03 -1.97 6.07
N ASP A 211 -4.58 -3.19 5.77
CA ASP A 211 -4.43 -4.23 6.77
C ASP A 211 -3.00 -4.77 6.72
N GLU A 212 -2.78 -5.94 7.32
CA GLU A 212 -1.45 -6.56 7.32
C GLU A 212 -0.95 -7.04 5.95
N THR A 213 -1.84 -7.08 4.97
CA THR A 213 -1.47 -7.48 3.60
C THR A 213 -0.95 -6.31 2.75
N LEU A 214 -1.20 -5.08 3.21
CA LEU A 214 -0.72 -3.90 2.52
C LEU A 214 0.80 -3.82 2.61
N ILE A 215 1.46 -3.77 1.46
CA ILE A 215 2.92 -3.90 1.40
C ILE A 215 3.58 -2.83 0.54
N THR A 216 4.62 -2.20 1.08
CA THR A 216 5.43 -1.23 0.33
C THR A 216 6.32 -1.97 -0.66
N LEU A 217 6.84 -1.24 -1.65
CA LEU A 217 7.77 -1.80 -2.62
C LEU A 217 9.04 -2.34 -1.95
N HIS A 218 9.53 -1.63 -0.93
CA HIS A 218 10.68 -2.06 -0.15
C HIS A 218 10.51 -3.46 0.44
N ASP A 219 9.41 -3.67 1.16
CA ASP A 219 9.11 -5.00 1.73
C ASP A 219 8.85 -6.04 0.64
N LEU A 220 8.11 -5.66 -0.40
CA LEU A 220 7.84 -6.57 -1.52
C LEU A 220 9.12 -7.14 -2.14
N VAL A 221 10.06 -6.26 -2.49
CA VAL A 221 11.30 -6.69 -3.13
C VAL A 221 12.24 -7.41 -2.17
N ASP A 222 12.25 -6.97 -0.91
CA ASP A 222 13.06 -7.63 0.11
C ASP A 222 12.57 -9.05 0.38
N TYR A 223 11.26 -9.22 0.46
CA TYR A 223 10.66 -10.54 0.66
C TYR A 223 10.89 -11.45 -0.54
N TYR A 224 10.88 -10.85 -1.74
CA TYR A 224 11.22 -11.55 -2.98
C TYR A 224 12.63 -12.13 -2.93
N TYR A 225 13.60 -11.32 -2.51
CA TYR A 225 14.99 -11.78 -2.39
C TYR A 225 15.23 -12.71 -1.19
N PHE A 226 14.39 -12.60 -0.15
CA PHE A 226 14.41 -13.57 0.94
C PHE A 226 14.02 -14.96 0.43
N TRP A 227 13.10 -15.00 -0.54
CA TRP A 227 12.74 -16.24 -1.22
C TRP A 227 13.82 -16.66 -2.22
N LYS A 228 14.05 -15.79 -3.21
CA LYS A 228 15.02 -16.02 -4.28
C LYS A 228 16.42 -16.40 -3.79
N GLU A 229 16.96 -15.60 -2.87
CA GLU A 229 18.37 -15.71 -2.50
C GLU A 229 18.62 -16.36 -1.14
N ASP A 230 17.67 -16.23 -0.21
CA ASP A 230 17.76 -16.86 1.09
C ASP A 230 17.05 -18.22 1.15
N GLY A 231 16.12 -18.44 0.23
CA GLY A 231 15.37 -19.71 0.16
C GLY A 231 14.22 -19.79 1.14
N ILE A 232 13.75 -18.63 1.60
CA ILE A 232 12.65 -18.54 2.56
C ILE A 232 11.38 -18.08 1.84
N GLU A 233 10.41 -18.98 1.74
CA GLU A 233 9.19 -18.72 0.97
C GLU A 233 8.12 -17.91 1.73
N GLU A 234 8.09 -18.06 3.06
CA GLU A 234 6.99 -17.55 3.90
C GLU A 234 6.66 -16.06 3.75
N TYR A 235 7.69 -15.21 3.68
CA TYR A 235 7.48 -13.76 3.61
C TYR A 235 6.90 -13.32 2.27
N PHE A 236 7.45 -13.83 1.18
CA PHE A 236 6.96 -13.49 -0.15
C PHE A 236 5.58 -14.07 -0.44
N ARG A 237 5.29 -15.22 0.16
CA ARG A 237 3.95 -15.81 0.06
C ARG A 237 2.89 -14.88 0.63
N LYS A 238 3.14 -14.31 1.81
CA LYS A 238 2.21 -13.39 2.44
C LYS A 238 2.15 -12.01 1.75
N ALA A 239 3.16 -11.72 0.94
CA ALA A 239 3.23 -10.47 0.17
C ALA A 239 2.25 -10.47 -1.00
N ILE A 240 1.90 -11.67 -1.46
CA ILE A 240 0.99 -11.85 -2.58
C ILE A 240 -0.32 -12.46 -2.09
N GLN A 241 -1.44 -11.86 -2.50
CA GLN A 241 -2.76 -12.37 -2.16
C GLN A 241 -3.27 -13.27 -3.27
N PRO A 242 -4.06 -14.31 -2.93
CA PRO A 242 -4.70 -15.09 -3.99
C PRO A 242 -5.69 -14.25 -4.78
N MET A 243 -5.85 -14.56 -6.07
CA MET A 243 -6.77 -13.81 -6.95
C MET A 243 -8.21 -13.79 -6.42
N GLU A 244 -8.51 -14.76 -5.55
CA GLU A 244 -9.81 -14.87 -4.89
C GLU A 244 -10.13 -13.64 -4.03
N LYS A 245 -9.09 -13.00 -3.49
CA LYS A 245 -9.24 -11.77 -2.72
C LYS A 245 -9.82 -10.62 -3.56
N ALA A 246 -9.43 -10.55 -4.84
CA ALA A 246 -9.90 -9.50 -5.74
C ALA A 246 -11.38 -9.67 -6.12
N VAL A 247 -11.99 -10.73 -5.60
CA VAL A 247 -13.36 -11.11 -5.93
C VAL A 247 -14.28 -11.11 -4.70
N GLU A 248 -13.73 -10.78 -3.54
CA GLU A 248 -14.47 -10.76 -2.26
C GLU A 248 -15.73 -9.89 -2.25
N HIS A 249 -15.71 -8.80 -3.01
CA HIS A 249 -16.80 -7.83 -3.03
C HIS A 249 -17.92 -8.18 -4.00
N LEU A 250 -17.72 -9.24 -4.79
CA LEU A 250 -18.70 -9.65 -5.80
C LEU A 250 -19.67 -10.72 -5.27
N PRO A 251 -20.92 -10.72 -5.77
CA PRO A 251 -21.83 -11.83 -5.46
C PRO A 251 -21.32 -13.13 -6.07
N LYS A 252 -21.47 -14.23 -5.34
CA LYS A 252 -20.89 -15.49 -5.76
C LYS A 252 -21.92 -16.58 -6.04
N VAL A 253 -21.60 -17.42 -7.01
CA VAL A 253 -22.31 -18.69 -7.22
C VAL A 253 -21.31 -19.83 -7.03
N TRP A 254 -21.60 -20.72 -6.08
CA TRP A 254 -20.74 -21.85 -5.80
C TRP A 254 -21.23 -23.06 -6.56
N ILE A 255 -20.33 -23.66 -7.35
CA ILE A 255 -20.71 -24.73 -8.25
C ILE A 255 -20.13 -26.10 -7.87
N LYS A 256 -20.82 -27.14 -8.32
CA LYS A 256 -20.42 -28.53 -8.08
C LYS A 256 -19.14 -28.88 -8.85
N ASP A 257 -18.39 -29.84 -8.32
CA ASP A 257 -17.17 -30.35 -8.95
C ASP A 257 -17.39 -30.76 -10.41
N SER A 258 -18.53 -31.39 -10.68
CA SER A 258 -18.87 -31.91 -12.00
C SER A 258 -19.19 -30.83 -13.03
N ALA A 259 -19.32 -29.59 -12.58
CA ALA A 259 -19.59 -28.45 -13.46
C ALA A 259 -18.33 -27.61 -13.72
N VAL A 260 -17.30 -27.80 -12.89
CA VAL A 260 -16.10 -26.97 -12.95
C VAL A 260 -15.34 -27.06 -14.28
N ALA A 261 -14.96 -28.28 -14.67
CA ALA A 261 -14.19 -28.50 -15.90
C ALA A 261 -14.95 -28.00 -17.13
N ALA A 262 -16.27 -28.26 -17.16
CA ALA A 262 -17.12 -27.77 -18.22
C ALA A 262 -17.02 -26.24 -18.39
N VAL A 263 -17.11 -25.51 -17.29
CA VAL A 263 -16.99 -24.06 -17.30
C VAL A 263 -15.61 -23.62 -17.80
N THR A 264 -14.57 -24.29 -17.35
CA THR A 264 -13.20 -23.96 -17.78
C THR A 264 -12.93 -24.33 -19.25
N HIS A 265 -13.79 -25.16 -19.82
CA HIS A 265 -13.68 -25.55 -21.24
C HIS A 265 -14.61 -24.73 -22.14
N GLY A 266 -15.31 -23.76 -21.57
CA GLY A 266 -16.12 -22.82 -22.35
C GLY A 266 -17.63 -22.97 -22.25
N ALA A 267 -18.10 -23.86 -21.38
CA ALA A 267 -19.53 -24.01 -21.16
C ALA A 267 -20.09 -22.88 -20.31
N ASP A 268 -21.30 -22.46 -20.62
CA ASP A 268 -22.06 -21.58 -19.73
C ASP A 268 -22.51 -22.39 -18.52
N LEU A 269 -22.84 -21.69 -17.44
CA LEU A 269 -23.26 -22.36 -16.21
C LEU A 269 -24.77 -22.55 -16.16
N ALA A 270 -25.18 -23.81 -16.22
CA ALA A 270 -26.59 -24.16 -16.13
C ALA A 270 -27.01 -24.36 -14.67
N VAL A 271 -28.32 -24.22 -14.44
CA VAL A 271 -28.93 -24.32 -13.11
C VAL A 271 -28.54 -25.59 -12.30
N PRO A 272 -28.61 -26.79 -12.93
CA PRO A 272 -28.25 -28.01 -12.18
C PRO A 272 -26.81 -28.11 -11.66
N GLY A 273 -25.96 -27.16 -12.04
CA GLY A 273 -24.58 -27.15 -11.58
C GLY A 273 -24.32 -26.32 -10.33
N ILE A 274 -25.35 -25.59 -9.88
CA ILE A 274 -25.23 -24.69 -8.74
C ILE A 274 -25.47 -25.40 -7.41
N ALA A 275 -24.51 -25.28 -6.50
CA ALA A 275 -24.64 -25.82 -5.16
C ALA A 275 -25.18 -24.75 -4.20
N LYS A 276 -24.54 -23.58 -4.22
CA LYS A 276 -24.90 -22.46 -3.35
C LYS A 276 -24.78 -21.14 -4.11
N LEU A 277 -25.49 -20.12 -3.66
CA LEU A 277 -25.41 -18.79 -4.27
C LEU A 277 -25.81 -17.67 -3.30
N HIS A 278 -25.21 -16.50 -3.47
CA HIS A 278 -25.59 -15.31 -2.70
C HIS A 278 -26.98 -14.83 -3.09
N ALA A 279 -27.70 -14.27 -2.13
CA ALA A 279 -29.01 -13.68 -2.39
C ALA A 279 -28.85 -12.31 -3.05
N GLY A 280 -29.91 -11.85 -3.71
CA GLY A 280 -29.96 -10.50 -4.25
C GLY A 280 -29.22 -10.31 -5.56
N ILE A 281 -28.90 -11.40 -6.25
CA ILE A 281 -28.33 -11.31 -7.60
C ILE A 281 -29.46 -10.96 -8.57
N LYS A 282 -29.23 -9.94 -9.37
CA LYS A 282 -30.20 -9.50 -10.38
C LYS A 282 -29.69 -9.88 -11.77
N ARG A 283 -30.59 -9.90 -12.75
CA ARG A 283 -30.20 -10.18 -14.14
C ARG A 283 -29.25 -9.11 -14.66
N GLY A 284 -28.12 -9.55 -15.21
CA GLY A 284 -27.13 -8.65 -15.76
C GLY A 284 -25.97 -8.34 -14.81
N ASP A 285 -26.13 -8.72 -13.54
CA ASP A 285 -25.09 -8.50 -12.53
C ASP A 285 -23.83 -9.31 -12.82
N LEU A 286 -22.68 -8.74 -12.47
CA LEU A 286 -21.42 -9.46 -12.54
C LEU A 286 -21.29 -10.38 -11.32
N VAL A 287 -21.10 -11.67 -11.59
CA VAL A 287 -20.94 -12.66 -10.53
C VAL A 287 -19.63 -13.43 -10.66
N ALA A 288 -19.10 -13.89 -9.53
CA ALA A 288 -17.93 -14.75 -9.50
C ALA A 288 -18.36 -16.20 -9.33
N ILE A 289 -17.94 -17.05 -10.26
CA ILE A 289 -18.20 -18.48 -10.17
C ILE A 289 -17.08 -19.13 -9.38
N MET A 290 -17.44 -19.78 -8.28
CA MET A 290 -16.48 -20.36 -7.34
C MET A 290 -16.70 -21.86 -7.19
N THR A 291 -15.63 -22.59 -6.89
CA THR A 291 -15.75 -23.99 -6.48
C THR A 291 -16.17 -24.06 -5.01
N LEU A 292 -16.50 -25.26 -4.55
CA LEU A 292 -16.83 -25.48 -3.15
C LEU A 292 -15.58 -25.44 -2.26
N LYS A 293 -14.43 -25.20 -2.88
CA LYS A 293 -13.17 -24.97 -2.16
C LYS A 293 -12.82 -23.48 -2.14
N ASP A 294 -13.73 -22.66 -2.66
CA ASP A 294 -13.56 -21.21 -2.79
C ASP A 294 -12.40 -20.80 -3.71
N GLU A 295 -12.23 -21.56 -4.78
CA GLU A 295 -11.33 -21.18 -5.87
C GLU A 295 -12.13 -20.36 -6.86
N LEU A 296 -11.53 -19.32 -7.42
CA LEU A 296 -12.16 -18.58 -8.51
C LEU A 296 -12.07 -19.39 -9.80
N VAL A 297 -13.22 -19.72 -10.36
CA VAL A 297 -13.31 -20.43 -11.63
C VAL A 297 -13.38 -19.43 -12.76
N ALA A 298 -14.37 -18.53 -12.68
CA ALA A 298 -14.69 -17.61 -13.76
C ALA A 298 -15.50 -16.41 -13.28
N LEU A 299 -15.52 -15.37 -14.12
CA LEU A 299 -16.45 -14.26 -13.97
C LEU A 299 -17.54 -14.41 -15.04
N GLY A 300 -18.74 -13.94 -14.72
CA GLY A 300 -19.85 -14.03 -15.66
C GLY A 300 -20.97 -13.05 -15.41
N LYS A 301 -21.93 -13.03 -16.33
CA LYS A 301 -23.13 -12.21 -16.19
C LYS A 301 -24.33 -13.10 -15.89
N ALA A 302 -25.08 -12.73 -14.86
CA ALA A 302 -26.27 -13.47 -14.45
C ALA A 302 -27.37 -13.36 -15.50
N MET A 303 -27.90 -14.51 -15.91
CA MET A 303 -29.03 -14.57 -16.83
C MET A 303 -30.33 -14.73 -16.04
N MET A 304 -30.17 -14.97 -14.74
CA MET A 304 -31.29 -15.17 -13.82
C MET A 304 -31.06 -14.40 -12.52
N THR A 305 -32.15 -14.16 -11.79
CA THR A 305 -32.07 -13.61 -10.44
C THR A 305 -31.71 -14.72 -9.45
N SER A 306 -31.35 -14.36 -8.22
CA SER A 306 -31.05 -15.33 -7.18
C SER A 306 -32.19 -16.32 -6.94
N GLN A 307 -33.42 -15.81 -6.88
CA GLN A 307 -34.61 -16.62 -6.69
C GLN A 307 -34.88 -17.56 -7.87
N GLU A 308 -34.62 -17.08 -9.08
CA GLU A 308 -34.79 -17.88 -10.30
C GLU A 308 -33.79 -19.03 -10.37
N MET A 309 -32.55 -18.77 -9.98
CA MET A 309 -31.50 -19.80 -9.94
C MET A 309 -31.81 -20.89 -8.92
N LEU A 310 -32.43 -20.49 -7.80
CA LEU A 310 -32.75 -21.41 -6.70
C LEU A 310 -33.97 -22.28 -7.00
N GLU A 311 -35.00 -21.67 -7.59
CA GLU A 311 -36.29 -22.33 -7.82
C GLU A 311 -36.30 -23.23 -9.07
N LYS A 312 -35.66 -22.78 -10.14
CA LYS A 312 -35.65 -23.52 -11.40
C LYS A 312 -34.78 -24.77 -11.35
N THR A 313 -34.98 -25.68 -12.30
CA THR A 313 -34.22 -26.92 -12.38
C THR A 313 -33.41 -27.02 -13.67
N LYS A 314 -33.76 -26.18 -14.65
CA LYS A 314 -33.09 -26.16 -15.95
C LYS A 314 -32.89 -24.73 -16.44
N GLY A 315 -31.94 -24.56 -17.37
CA GLY A 315 -31.68 -23.27 -17.99
C GLY A 315 -30.31 -22.70 -17.64
N ILE A 316 -29.84 -21.77 -18.45
CA ILE A 316 -28.56 -21.10 -18.21
C ILE A 316 -28.70 -20.04 -17.12
N ALA A 317 -27.99 -20.25 -16.01
CA ALA A 317 -28.01 -19.33 -14.89
C ALA A 317 -27.01 -18.17 -15.08
N VAL A 318 -25.79 -18.52 -15.49
CA VAL A 318 -24.72 -17.54 -15.66
C VAL A 318 -24.05 -17.69 -17.03
N ASP A 319 -23.96 -16.57 -17.75
CA ASP A 319 -23.18 -16.51 -18.98
C ASP A 319 -21.71 -16.31 -18.62
N VAL A 320 -20.91 -17.35 -18.80
CA VAL A 320 -19.48 -17.33 -18.46
C VAL A 320 -18.70 -16.46 -19.45
N GLU A 321 -17.99 -15.47 -18.92
CA GLU A 321 -17.30 -14.49 -19.75
C GLU A 321 -15.79 -14.51 -19.64
N LYS A 322 -15.27 -14.74 -18.43
CA LYS A 322 -13.83 -14.71 -18.19
C LYS A 322 -13.40 -15.88 -17.31
N VAL A 323 -12.70 -16.84 -17.90
CA VAL A 323 -12.26 -18.03 -17.17
C VAL A 323 -10.83 -17.84 -16.66
N PHE A 324 -10.65 -18.06 -15.36
CA PHE A 324 -9.35 -17.90 -14.73
C PHE A 324 -8.68 -19.23 -14.36
N MET A 325 -9.49 -20.22 -14.01
CA MET A 325 -8.98 -21.53 -13.64
C MET A 325 -8.52 -22.32 -14.87
N PRO A 326 -7.30 -22.90 -14.81
CA PRO A 326 -6.81 -23.80 -15.85
C PRO A 326 -7.75 -24.99 -16.06
N ARG A 327 -7.77 -25.50 -17.29
CA ARG A 327 -8.65 -26.59 -17.70
C ARG A 327 -8.40 -27.92 -17.00
N ASP A 328 -7.16 -28.13 -16.54
CA ASP A 328 -6.74 -29.43 -16.03
C ASP A 328 -6.72 -29.56 -14.50
N TRP A 329 -7.25 -28.57 -13.80
CA TRP A 329 -7.34 -28.60 -12.34
C TRP A 329 -8.42 -29.58 -11.87
N TYR A 330 -9.51 -29.64 -12.63
CA TYR A 330 -10.61 -30.57 -12.37
C TYR A 330 -10.82 -31.47 -13.59
N PRO A 331 -11.13 -32.75 -13.36
CA PRO A 331 -11.35 -33.68 -14.47
C PRO A 331 -12.66 -33.42 -15.21
N LYS A 332 -12.71 -33.82 -16.48
CA LYS A 332 -13.91 -33.70 -17.31
C LYS A 332 -14.96 -34.68 -16.82
N LEU A 333 -16.04 -34.14 -16.26
CA LEU A 333 -17.09 -34.96 -15.64
C LEU A 333 -18.45 -34.85 -16.35
N TRP A 334 -18.48 -34.13 -17.47
CA TRP A 334 -19.72 -33.97 -18.24
C TRP A 334 -19.99 -35.17 -19.15
N GLU A 335 -21.22 -35.25 -19.65
CA GLU A 335 -21.65 -36.33 -20.53
C GLU A 335 -22.15 -35.79 -21.87
N LYS A 336 -22.28 -36.67 -22.86
CA LYS A 336 -22.72 -36.32 -24.21
C LYS A 336 -23.98 -35.46 -24.23
N PHE B 3 5.53 16.14 4.05
CA PHE B 3 4.16 15.57 4.15
C PHE B 3 3.54 15.86 5.51
N ARG B 4 2.22 16.09 5.52
CA ARG B 4 1.49 16.48 6.72
C ARG B 4 0.65 15.34 7.29
N ILE B 5 0.19 14.44 6.41
CA ILE B 5 -0.68 13.34 6.83
C ILE B 5 0.10 12.29 7.62
N ARG B 6 -0.36 12.04 8.84
CA ARG B 6 0.24 11.07 9.75
C ARG B 6 -0.77 9.99 10.11
N LYS B 7 -0.26 8.82 10.48
CA LYS B 7 -1.11 7.70 10.87
C LYS B 7 -0.59 7.07 12.16
N CYS B 8 -1.51 6.77 13.08
CA CYS B 8 -1.17 6.09 14.31
C CYS B 8 -0.89 4.61 14.05
N PRO B 9 0.26 4.11 14.56
CA PRO B 9 0.65 2.70 14.40
C PRO B 9 -0.22 1.75 15.23
N LYS B 10 -0.90 2.28 16.24
CA LYS B 10 -1.69 1.46 17.16
C LYS B 10 -3.13 1.25 16.67
N CYS B 11 -3.88 2.35 16.54
CA CYS B 11 -5.31 2.26 16.22
C CYS B 11 -5.64 2.56 14.75
N GLY B 12 -4.68 3.07 14.00
CA GLY B 12 -4.87 3.35 12.57
C GLY B 12 -5.54 4.69 12.25
N ARG B 13 -5.63 5.56 13.25
CA ARG B 13 -6.22 6.88 13.08
C ARG B 13 -5.35 7.78 12.21
N TYR B 14 -5.99 8.46 11.25
CA TYR B 14 -5.32 9.49 10.46
C TYR B 14 -5.45 10.84 11.15
N THR B 15 -4.33 11.53 11.25
CA THR B 15 -4.23 12.78 12.02
C THR B 15 -3.07 13.64 11.50
N LEU B 16 -3.07 14.91 11.88
CA LEU B 16 -1.95 15.81 11.60
C LEU B 16 -1.06 15.93 12.83
N LYS B 17 -1.53 15.41 13.95
CA LYS B 17 -0.84 15.51 15.23
C LYS B 17 0.28 14.48 15.38
N GLU B 18 1.28 14.81 16.19
CA GLU B 18 2.38 13.90 16.47
C GLU B 18 1.98 12.83 17.51
N VAL B 19 1.03 13.17 18.38
CA VAL B 19 0.44 12.18 19.29
C VAL B 19 -1.02 11.95 18.94
N CYS B 20 -1.38 10.67 18.77
CA CYS B 20 -2.73 10.27 18.35
C CYS B 20 -3.81 10.79 19.30
N PRO B 21 -4.84 11.47 18.74
CA PRO B 21 -5.93 12.01 19.55
C PRO B 21 -6.89 10.95 20.09
N VAL B 22 -6.78 9.72 19.59
CA VAL B 22 -7.64 8.62 20.04
C VAL B 22 -6.99 7.80 21.16
N CYS B 23 -5.77 7.30 20.93
CA CYS B 23 -5.13 6.39 21.88
C CYS B 23 -3.87 6.95 22.55
N GLY B 24 -3.34 8.05 22.04
CA GLY B 24 -2.17 8.71 22.63
C GLY B 24 -0.81 8.24 22.14
N GLU B 25 -0.82 7.30 21.19
CA GLU B 25 0.42 6.76 20.61
C GLU B 25 1.09 7.74 19.66
N LYS B 26 2.42 7.73 19.64
CA LYS B 26 3.20 8.57 18.72
C LYS B 26 2.97 8.15 17.28
N THR B 27 2.52 9.10 16.46
CA THR B 27 2.12 8.83 15.08
C THR B 27 3.30 8.84 14.11
N LYS B 28 3.10 8.23 12.94
CA LYS B 28 4.13 8.16 11.90
C LYS B 28 3.61 8.74 10.59
N VAL B 29 4.51 9.21 9.73
CA VAL B 29 4.12 9.72 8.41
C VAL B 29 3.40 8.63 7.62
N ALA B 30 2.28 8.99 6.99
CA ALA B 30 1.39 8.03 6.33
C ALA B 30 1.94 7.49 5.01
N HIS B 31 2.78 8.27 4.35
CA HIS B 31 3.30 7.93 3.02
C HIS B 31 4.57 7.09 3.08
N PRO B 32 4.70 6.09 2.19
CA PRO B 32 5.86 5.21 2.14
C PRO B 32 7.09 5.96 1.59
N PRO B 33 8.30 5.51 1.97
CA PRO B 33 9.50 6.16 1.46
C PRO B 33 9.72 5.93 -0.04
N ARG B 34 10.53 6.77 -0.66
CA ARG B 34 10.91 6.63 -2.06
C ARG B 34 11.53 5.25 -2.32
N PHE B 35 11.07 4.61 -3.38
CA PHE B 35 11.67 3.37 -3.86
C PHE B 35 12.27 3.56 -5.25
N SER B 36 13.36 2.85 -5.50
CA SER B 36 13.98 2.81 -6.81
C SER B 36 14.18 1.36 -7.27
N PRO B 37 13.89 1.07 -8.54
CA PRO B 37 14.16 -0.26 -9.10
C PRO B 37 15.67 -0.58 -9.14
N GLU B 38 16.50 0.48 -9.17
CA GLU B 38 17.94 0.33 -9.09
C GLU B 38 18.39 -0.04 -7.67
N ASP B 39 17.61 0.40 -6.68
CA ASP B 39 17.80 0.05 -5.26
C ASP B 39 19.27 -0.15 -4.86
N PRO B 40 20.07 0.93 -4.93
CA PRO B 40 21.53 0.81 -4.73
C PRO B 40 21.98 0.35 -3.33
N TYR B 41 21.11 0.50 -2.33
CA TYR B 41 21.47 0.11 -0.96
C TYR B 41 20.59 -1.01 -0.39
N GLY B 42 19.98 -1.78 -1.29
CA GLY B 42 19.14 -2.92 -0.93
C GLY B 42 19.86 -3.97 -0.10
N GLU B 43 21.13 -4.23 -0.43
CA GLU B 43 21.95 -5.20 0.30
C GLU B 43 22.06 -4.82 1.79
N TYR B 44 22.22 -3.53 2.04
CA TYR B 44 22.43 -3.02 3.39
C TYR B 44 21.12 -2.89 4.17
N ARG B 45 20.05 -2.53 3.47
CA ARG B 45 18.72 -2.52 4.06
C ARG B 45 18.26 -3.93 4.44
N ARG B 46 18.56 -4.91 3.59
CA ARG B 46 18.20 -6.31 3.85
C ARG B 46 19.00 -6.90 5.02
N ARG B 47 20.24 -6.44 5.20
CA ARG B 47 21.08 -6.86 6.32
C ARG B 47 20.48 -6.39 7.64
N TRP B 48 19.96 -5.17 7.64
CA TRP B 48 19.24 -4.62 8.77
C TRP B 48 17.94 -5.40 9.01
N LYS B 49 17.20 -5.64 7.92
CA LYS B 49 15.89 -6.29 7.98
C LYS B 49 15.96 -7.74 8.48
N ARG B 50 16.98 -8.48 8.03
CA ARG B 50 17.19 -9.86 8.49
C ARG B 50 17.44 -9.94 9.99
N GLU B 51 18.19 -8.97 10.53
CA GLU B 51 18.46 -8.91 11.96
C GLU B 51 17.19 -8.57 12.75
N VAL B 52 16.38 -7.67 12.20
CA VAL B 52 15.10 -7.28 12.81
C VAL B 52 14.11 -8.44 12.81
N LEU B 53 13.99 -9.12 11.67
CA LEU B 53 13.04 -10.23 11.51
C LEU B 53 13.51 -11.52 12.18
N GLY B 54 14.82 -11.67 12.33
CA GLY B 54 15.40 -12.86 12.96
C GLY B 54 15.85 -13.93 11.98
N ILE B 55 16.10 -13.53 10.74
CA ILE B 55 16.58 -14.43 9.70
C ILE B 55 18.09 -14.63 9.82
N LYS C 4 13.07 3.13 21.14
CA LYS C 4 13.93 3.59 20.01
C LYS C 4 13.75 2.70 18.77
N PRO C 5 13.91 3.28 17.57
CA PRO C 5 13.77 2.53 16.31
C PRO C 5 14.80 1.42 16.18
N SER C 6 14.48 0.41 15.38
CA SER C 6 15.31 -0.79 15.23
C SER C 6 16.65 -0.55 14.53
N TYR C 7 16.82 0.60 13.90
CA TYR C 7 18.10 0.96 13.29
C TYR C 7 19.11 1.49 14.32
N VAL C 8 18.64 1.75 15.53
CA VAL C 8 19.52 2.17 16.63
C VAL C 8 20.10 0.93 17.31
N LYS C 9 21.38 0.68 17.08
CA LYS C 9 22.04 -0.57 17.48
C LYS C 9 22.59 -0.58 18.91
N PHE C 10 22.81 0.61 19.46
CA PHE C 10 23.31 0.74 20.84
C PHE C 10 22.82 2.00 21.54
N GLU C 11 22.90 2.01 22.87
CA GLU C 11 22.45 3.12 23.68
C GLU C 11 23.57 4.15 23.87
N VAL C 12 23.27 5.39 23.50
CA VAL C 12 24.23 6.49 23.60
C VAL C 12 23.90 7.36 24.81
N PRO C 13 24.86 7.50 25.75
CA PRO C 13 24.70 8.38 26.91
C PRO C 13 24.57 9.84 26.50
N LYS C 14 23.81 10.60 27.27
CA LYS C 14 23.55 12.03 27.01
C LYS C 14 24.83 12.81 26.72
N GLU C 15 25.86 12.57 27.52
CA GLU C 15 27.14 13.28 27.41
C GLU C 15 27.84 13.03 26.08
N LEU C 16 27.78 11.78 25.61
CA LEU C 16 28.43 11.39 24.36
C LEU C 16 27.69 11.92 23.14
N ALA C 17 26.36 11.95 23.23
CA ALA C 17 25.52 12.49 22.16
C ALA C 17 25.75 14.00 21.98
N GLU C 18 25.91 14.70 23.10
CA GLU C 18 26.19 16.14 23.08
C GLU C 18 27.56 16.47 22.51
N LYS C 19 28.53 15.57 22.75
CA LYS C 19 29.87 15.69 22.18
C LYS C 19 29.85 15.49 20.66
N ALA C 20 28.97 14.60 20.20
CA ALA C 20 28.79 14.35 18.77
C ALA C 20 28.26 15.59 18.05
N LEU C 21 27.27 16.25 18.64
CA LEU C 21 26.74 17.51 18.11
C LEU C 21 27.77 18.63 18.17
N GLN C 22 28.55 18.65 19.26
CA GLN C 22 29.65 19.60 19.42
C GLN C 22 30.68 19.42 18.31
N ALA C 23 31.01 18.17 18.00
CA ALA C 23 31.98 17.85 16.94
C ALA C 23 31.50 18.26 15.56
N VAL C 24 30.19 18.16 15.32
CA VAL C 24 29.59 18.60 14.05
C VAL C 24 29.67 20.13 13.91
N GLU C 25 29.35 20.83 15.00
CA GLU C 25 29.41 22.30 15.03
C GLU C 25 30.81 22.81 14.77
N ILE C 26 31.80 22.17 15.40
CA ILE C 26 33.20 22.58 15.26
C ILE C 26 33.75 22.26 13.87
N ALA C 27 33.46 21.05 13.38
CA ALA C 27 33.87 20.64 12.03
C ALA C 27 33.17 21.46 10.94
N ARG C 28 31.93 21.90 11.21
CA ARG C 28 31.22 22.81 10.32
C ARG C 28 32.00 24.11 10.11
N ASP C 29 32.53 24.63 11.21
CA ASP C 29 33.20 25.94 11.23
C ASP C 29 34.69 25.89 10.85
N THR C 30 35.36 24.79 11.20
CA THR C 30 36.81 24.70 11.06
C THR C 30 37.29 23.60 10.10
N GLY C 31 36.41 22.67 9.76
CA GLY C 31 36.76 21.55 8.90
C GLY C 31 35.82 21.39 7.72
N LYS C 32 35.37 20.15 7.50
CA LYS C 32 34.47 19.85 6.40
C LYS C 32 33.46 18.79 6.81
N ILE C 33 32.18 19.05 6.48
CA ILE C 33 31.12 18.09 6.72
C ILE C 33 30.25 17.86 5.48
N ARG C 34 29.48 16.78 5.50
CA ARG C 34 28.42 16.53 4.54
C ARG C 34 27.14 16.34 5.36
N LYS C 35 26.05 16.98 4.94
CA LYS C 35 24.79 16.92 5.67
C LYS C 35 23.62 16.48 4.80
N GLY C 36 22.77 15.61 5.35
CA GLY C 36 21.73 14.94 4.57
C GLY C 36 22.18 13.53 4.26
N THR C 37 21.22 12.62 4.14
CA THR C 37 21.52 11.19 4.04
C THR C 37 22.22 10.76 2.76
N ASN C 38 21.86 11.38 1.63
CA ASN C 38 22.53 11.07 0.37
C ASN C 38 24.01 11.45 0.37
N GLU C 39 24.29 12.71 0.75
CA GLU C 39 25.66 13.21 0.94
C GLU C 39 26.47 12.35 1.90
N THR C 40 25.85 12.03 3.04
CA THR C 40 26.47 11.24 4.09
C THR C 40 26.79 9.82 3.58
N THR C 41 25.82 9.22 2.89
CA THR C 41 25.99 7.88 2.33
C THR C 41 27.13 7.83 1.30
N LYS C 42 27.16 8.82 0.40
CA LYS C 42 28.24 8.90 -0.60
C LYS C 42 29.61 9.07 0.05
N ALA C 43 29.68 9.91 1.08
CA ALA C 43 30.92 10.11 1.85
C ALA C 43 31.44 8.81 2.45
N VAL C 44 30.53 7.98 2.94
CA VAL C 44 30.86 6.67 3.52
C VAL C 44 31.38 5.70 2.46
N GLU C 45 30.63 5.55 1.37
CA GLU C 45 30.99 4.61 0.30
C GLU C 45 32.27 5.02 -0.44
N ARG C 46 32.55 6.32 -0.48
CA ARG C 46 33.79 6.85 -1.07
C ARG C 46 34.97 6.78 -0.10
N GLY C 47 34.69 6.39 1.15
CA GLY C 47 35.71 6.24 2.19
C GLY C 47 36.28 7.56 2.69
N GLN C 48 35.42 8.57 2.77
CA GLN C 48 35.84 9.92 3.15
C GLN C 48 35.41 10.31 4.57
N ALA C 49 34.38 9.64 5.08
CA ALA C 49 33.83 9.94 6.40
C ALA C 49 34.75 9.48 7.53
N LYS C 50 34.99 10.38 8.49
CA LYS C 50 35.71 10.05 9.72
C LYS C 50 34.74 9.57 10.79
N LEU C 51 33.56 10.19 10.80
CA LEU C 51 32.51 9.85 11.76
C LEU C 51 31.16 10.15 11.11
N VAL C 52 30.22 9.23 11.31
CA VAL C 52 28.86 9.38 10.84
C VAL C 52 27.93 9.59 12.03
N ILE C 53 27.11 10.63 11.96
CA ILE C 53 26.16 10.96 13.02
C ILE C 53 24.74 10.72 12.49
N ILE C 54 23.96 9.94 13.24
CA ILE C 54 22.63 9.51 12.82
C ILE C 54 21.57 9.89 13.86
N ALA C 55 20.53 10.58 13.42
CA ALA C 55 19.43 10.96 14.31
C ALA C 55 18.56 9.76 14.68
N GLU C 56 18.02 9.79 15.90
CA GLU C 56 17.22 8.68 16.45
C GLU C 56 15.72 8.79 16.16
N ASP C 57 15.28 9.91 15.59
CA ASP C 57 13.86 10.14 15.32
C ASP C 57 13.51 10.19 13.83
N VAL C 58 14.22 9.39 13.02
CA VAL C 58 13.98 9.36 11.59
C VAL C 58 12.81 8.44 11.24
N ASP C 59 11.83 8.99 10.54
CA ASP C 59 10.63 8.26 10.16
C ASP C 59 10.21 8.62 8.73
N PRO C 60 10.11 7.60 7.84
CA PRO C 60 10.32 6.17 8.07
C PRO C 60 11.78 5.76 8.26
N GLU C 61 11.98 4.66 8.98
CA GLU C 61 13.32 4.14 9.32
C GLU C 61 14.21 3.90 8.09
N GLU C 62 13.58 3.61 6.95
CA GLU C 62 14.28 3.28 5.70
C GLU C 62 15.22 4.36 5.17
N ILE C 63 15.00 5.61 5.57
CA ILE C 63 15.88 6.72 5.17
C ILE C 63 17.32 6.51 5.62
N VAL C 64 17.51 5.99 6.83
CA VAL C 64 18.86 5.83 7.41
C VAL C 64 19.23 4.38 7.77
N ALA C 65 18.32 3.44 7.54
CA ALA C 65 18.49 2.05 7.97
C ALA C 65 19.71 1.34 7.35
N HIS C 66 20.11 1.77 6.15
CA HIS C 66 21.25 1.20 5.44
C HIS C 66 22.59 1.67 5.99
N LEU C 67 22.58 2.76 6.75
CA LEU C 67 23.82 3.40 7.20
C LEU C 67 24.66 2.61 8.21
N PRO C 68 24.05 2.08 9.28
CA PRO C 68 24.85 1.22 10.18
C PRO C 68 25.56 0.03 9.49
N PRO C 69 24.82 -0.80 8.70
CA PRO C 69 25.55 -1.88 8.00
C PRO C 69 26.58 -1.40 6.98
N LEU C 70 26.33 -0.24 6.36
CA LEU C 70 27.28 0.33 5.38
C LEU C 70 28.54 0.81 6.08
N CYS C 71 28.37 1.53 7.18
CA CYS C 71 29.50 2.03 7.98
C CYS C 71 30.35 0.90 8.54
N GLU C 72 29.71 -0.16 9.00
CA GLU C 72 30.40 -1.35 9.52
C GLU C 72 31.22 -2.04 8.43
N GLU C 73 30.66 -2.10 7.23
CA GLU C 73 31.37 -2.64 6.07
C GLU C 73 32.59 -1.79 5.69
N LYS C 74 32.43 -0.47 5.75
CA LYS C 74 33.50 0.46 5.38
C LYS C 74 34.44 0.81 6.54
N GLU C 75 34.18 0.22 7.71
CA GLU C 75 35.01 0.40 8.91
C GLU C 75 34.98 1.85 9.42
N ILE C 76 33.82 2.49 9.29
CA ILE C 76 33.65 3.88 9.69
C ILE C 76 32.77 3.95 10.94
N PRO C 77 33.28 4.59 12.00
CA PRO C 77 32.49 4.73 13.24
C PRO C 77 31.24 5.58 13.04
N TYR C 78 30.17 5.20 13.73
CA TYR C 78 28.92 5.97 13.71
C TYR C 78 28.37 6.16 15.12
N ILE C 79 27.61 7.22 15.29
CA ILE C 79 27.05 7.59 16.60
C ILE C 79 25.62 8.11 16.41
N TYR C 80 24.79 7.92 17.44
CA TYR C 80 23.41 8.38 17.41
C TYR C 80 23.20 9.62 18.26
N VAL C 81 22.40 10.56 17.73
CA VAL C 81 21.93 11.73 18.48
C VAL C 81 20.41 11.71 18.53
N PRO C 82 19.80 12.26 19.61
CA PRO C 82 18.35 12.12 19.78
C PRO C 82 17.46 12.83 18.76
N SER C 83 17.96 13.91 18.15
CA SER C 83 17.09 14.81 17.38
C SER C 83 17.66 15.24 16.03
N LYS C 84 16.87 15.00 14.97
CA LYS C 84 17.25 15.39 13.61
C LYS C 84 17.25 16.89 13.38
N LYS C 85 16.32 17.61 14.03
CA LYS C 85 16.29 19.07 13.96
C LYS C 85 17.55 19.66 14.58
N GLU C 86 17.94 19.11 15.74
CA GLU C 86 19.15 19.50 16.46
C GLU C 86 20.42 19.19 15.67
N LEU C 87 20.41 18.05 14.98
CA LEU C 87 21.54 17.67 14.13
C LEU C 87 21.63 18.59 12.90
N GLY C 88 20.49 18.94 12.32
CA GLY C 88 20.42 19.91 11.23
C GLY C 88 20.95 21.26 11.63
N ALA C 89 20.53 21.72 12.81
CA ALA C 89 21.00 22.98 13.39
C ALA C 89 22.52 22.98 13.58
N ALA C 90 23.04 21.88 14.13
CA ALA C 90 24.49 21.70 14.32
C ALA C 90 25.25 21.73 13.00
N ALA C 91 24.62 21.21 11.94
CA ALA C 91 25.21 21.16 10.60
C ALA C 91 25.14 22.50 9.86
N GLY C 92 24.45 23.47 10.46
CA GLY C 92 24.39 24.83 9.93
C GLY C 92 23.29 25.09 8.92
N ILE C 93 22.28 24.22 8.90
CA ILE C 93 21.12 24.41 8.02
C ILE C 93 19.84 24.72 8.81
N GLU C 94 18.84 25.27 8.12
CA GLU C 94 17.61 25.74 8.77
C GLU C 94 16.61 24.60 9.01
N VAL C 95 16.84 23.47 8.34
CA VAL C 95 15.95 22.32 8.44
C VAL C 95 16.65 21.16 9.16
N ALA C 96 15.91 20.06 9.36
CA ALA C 96 16.46 18.87 10.01
C ALA C 96 17.45 18.13 9.11
N ALA C 97 18.34 17.36 9.72
CA ALA C 97 19.19 16.43 9.01
C ALA C 97 19.11 15.05 9.65
N ALA C 98 18.74 14.06 8.85
CA ALA C 98 18.63 12.67 9.31
C ALA C 98 20.00 12.08 9.63
N SER C 99 21.01 12.47 8.86
CA SER C 99 22.39 12.07 9.14
C SER C 99 23.41 13.10 8.64
N VAL C 100 24.59 13.04 9.23
CA VAL C 100 25.71 13.93 8.89
C VAL C 100 27.00 13.11 8.89
N ALA C 101 27.92 13.45 7.98
CA ALA C 101 29.26 12.88 7.97
C ALA C 101 30.32 13.96 8.17
N ILE C 102 31.22 13.71 9.11
CA ILE C 102 32.39 14.58 9.28
C ILE C 102 33.51 14.03 8.40
N ILE C 103 33.96 14.86 7.44
CA ILE C 103 35.02 14.50 6.50
C ILE C 103 36.37 14.98 7.03
N GLU C 104 36.40 16.25 7.44
CA GLU C 104 37.57 16.81 8.11
C GLU C 104 37.12 17.40 9.43
N PRO C 105 37.61 16.83 10.56
CA PRO C 105 37.20 17.27 11.89
C PRO C 105 37.64 18.68 12.24
N GLY C 106 38.73 19.15 11.62
CA GLY C 106 39.29 20.46 11.93
C GLY C 106 39.74 20.52 13.37
N LYS C 107 39.18 21.47 14.13
CA LYS C 107 39.52 21.63 15.54
C LYS C 107 38.82 20.59 16.43
N ALA C 108 37.96 19.76 15.83
CA ALA C 108 37.30 18.67 16.53
C ALA C 108 38.07 17.36 16.42
N ARG C 109 39.33 17.44 15.99
CA ARG C 109 40.18 16.27 15.77
C ARG C 109 40.20 15.33 16.98
N ASP C 110 40.52 15.87 18.14
CA ASP C 110 40.65 15.09 19.38
C ASP C 110 39.28 14.63 19.90
N LEU C 111 38.26 15.45 19.66
CA LEU C 111 36.89 15.12 20.04
C LEU C 111 36.35 13.93 19.25
N VAL C 112 36.60 13.91 17.95
CA VAL C 112 36.19 12.80 17.07
C VAL C 112 36.92 11.51 17.45
N GLU C 113 38.20 11.64 17.82
CA GLU C 113 39.00 10.51 18.30
C GLU C 113 38.44 9.91 19.59
N GLU C 114 37.99 10.79 20.50
CA GLU C 114 37.37 10.36 21.76
C GLU C 114 36.05 9.65 21.50
N ILE C 115 35.22 10.22 20.63
CA ILE C 115 33.94 9.64 20.24
C ILE C 115 34.13 8.25 19.59
N ALA C 116 35.09 8.16 18.67
CA ALA C 116 35.42 6.90 18.00
C ALA C 116 35.85 5.80 18.99
N MET C 117 36.58 6.20 20.03
CA MET C 117 37.01 5.27 21.08
C MET C 117 35.82 4.76 21.89
N LYS C 118 34.91 5.67 22.21
CA LYS C 118 33.74 5.35 23.05
C LYS C 118 32.67 4.54 22.34
N VAL C 119 32.51 4.75 21.03
CA VAL C 119 31.56 3.96 20.23
C VAL C 119 32.07 2.54 20.00
N LYS C 120 33.39 2.38 19.92
CA LYS C 120 34.03 1.09 19.71
C LYS C 120 33.70 0.11 20.84
N GLU C 121 33.74 0.59 22.08
CA GLU C 121 33.40 -0.23 23.24
C GLU C 121 31.89 -0.44 23.39
N LEU C 122 31.10 0.47 22.83
CA LEU C 122 29.65 0.31 22.77
C LEU C 122 29.24 -0.72 21.72
N MET C 123 30.01 -0.81 20.64
CA MET C 123 29.77 -1.77 19.56
C MET C 123 29.88 -3.22 20.04
N LYS C 124 30.81 -3.47 20.96
CA LYS C 124 30.98 -4.79 21.56
C LYS C 124 30.33 -4.89 22.93
N1 FHU E 7 -8.50 12.22 -7.77
C2 FHU E 7 -7.26 12.72 -7.75
N3 FHU E 7 -6.26 11.97 -8.21
C4 FHU E 7 -6.34 10.64 -8.19
C5 FHU E 7 -7.67 10.04 -8.57
C6 FHU E 7 -8.78 10.78 -7.84
O2 FHU E 7 -7.05 13.85 -7.34
O4 FHU E 7 -5.40 9.93 -7.85
C1' FHU E 7 -7.93 10.10 -10.09
C2' FHU E 7 -6.76 9.65 -10.96
O2' FHU E 7 -6.12 10.79 -11.51
C3' FHU E 7 -7.40 8.74 -12.02
C4' FHU E 7 -8.67 8.25 -11.35
O3' FHU E 7 -7.70 9.43 -13.23
O4' FHU E 7 -9.05 9.29 -10.42
C5' FHU E 7 -8.54 6.94 -10.59
O5' FHU E 7 -9.80 6.37 -10.29
P FHU E 7 -9.96 4.80 -10.10
OP1 FHU E 7 -8.88 4.29 -9.22
OP2 FHU E 7 -11.37 4.48 -9.78
F5 FHU E 7 -7.69 8.78 -8.15
O6 FHU E 7 -8.89 10.24 -6.52
C1 PGE F . 14.93 -20.78 -3.71
O1 PGE F . 14.70 -21.80 -2.73
C2 PGE F . 13.83 -20.85 -4.76
O2 PGE F . 14.28 -20.26 -5.98
C3 PGE F . 13.69 -20.87 -7.12
C4 PGE F . 12.82 -19.85 -7.84
O4 PGE F . 11.46 -18.77 -11.26
C6 PGE F . 10.65 -19.10 -10.13
C5 PGE F . 11.16 -20.37 -9.46
O3 PGE F . 12.55 -20.28 -9.19
C1 PGE G . -17.68 -23.26 0.63
O1 PGE G . -18.56 -24.39 0.56
C2 PGE G . -18.43 -21.99 0.24
O2 PGE G . -19.53 -21.79 1.13
C3 PGE G . -19.88 -20.41 1.24
C4 PGE G . -20.67 -20.17 2.51
O4 PGE G . -23.13 -23.40 4.07
C6 PGE G . -22.15 -22.43 4.45
C5 PGE G . -22.46 -21.08 3.81
O3 PGE G . -21.84 -21.00 2.52
C1 EDO H . -23.71 20.18 -3.85
O1 EDO H . -23.21 19.46 -4.98
C2 EDO H . -22.91 21.45 -3.65
O2 EDO H . -23.18 22.00 -2.35
ZN ZN I . -4.12 5.75 17.96
O1 PG4 J . 19.58 6.62 0.05
C1 PG4 J . 18.63 6.04 0.95
C2 PG4 J . 17.25 5.97 0.29
O2 PG4 J . 16.21 6.00 1.26
C3 PG4 J . 15.58 7.27 1.35
C4 PG4 J . 14.14 7.21 0.86
O3 PG4 J . 13.61 8.53 0.73
C5 PG4 J . 12.40 8.69 1.47
C6 PG4 J . 11.78 10.06 1.21
O4 PG4 J . 10.85 9.96 0.14
C7 PG4 J . 9.51 10.26 0.52
C8 PG4 J . 8.58 9.95 -0.64
O5 PG4 J . 8.81 10.88 -1.70
C1 EDO K . 44.01 21.12 15.97
O1 EDO K . 43.50 21.40 14.66
C2 EDO K . 42.93 20.46 16.82
O2 EDO K . 42.91 21.05 18.13
MG MG L . 17.95 13.46 -8.94
MG MG M . 1.05 -25.27 -34.97
MG MG N . 19.74 21.84 -20.94
MG MG O . 16.38 14.95 -18.63
MG MG P . -10.25 -17.61 -34.54
#